data_6M91
#
_entry.id   6M91
#
_cell.length_a   82.490
_cell.length_b   82.490
_cell.length_c   111.960
_cell.angle_alpha   90.000
_cell.angle_beta   90.000
_cell.angle_gamma   120.000
#
_symmetry.space_group_name_H-M   'P 31'
#
loop_
_entity.id
_entity.type
_entity.pdbx_description
1 polymer 'F-box/WD repeat-containing protein 1A'
2 polymer 'S-phase kinase-associated protein 1'
3 polymer 'Catenin beta-1'
4 non-polymer '3-({4-[(2,6-dichlorophenyl)sulfanyl]-2-oxo-6-(trifluoromethyl)-1,2-dihydropyridine-3-carbonyl}amino)benzoic acid'
5 non-polymer 'PHOSPHATE ION'
6 non-polymer 'CHLORIDE ION'
7 water water
#
loop_
_entity_poly.entity_id
_entity_poly.type
_entity_poly.pdbx_seq_one_letter_code
_entity_poly.pdbx_strand_id
1 'polypeptide(L)'
;SMLQRDFITALPARGLDHIAENILSYLDAKSLCAAELVCKEWYRVTSDGMLWKKLIERMVRTDSLWRGLAERRGWGQYLF
KNKPPDGNAPPNSFYRALYPKIIQDIETIESNWRCGRHSLQRIHCRSETSKGVYCLQYDDQKIVSGLRDNTIKIWDKNTL
ECKRILTGHTGSVLCLQYDERVIITGSSDSTVRVWDVNTGEMLNTLIHHCEAVLHLRFNNGMMVTCSKDRSIAVWDMASP
TDITLRRVLVGHRAAVNVVDFDDKYIVSASGDRTIKVWNTSTCEFVRTLNGHKRGIACLQYRDRLVVSGSSDNTIRLWDI
ECGACLRVLEGHEELVRCIRFDNKRIVSGAYDGKIKVWDLVAALDPRAPAGTLCLRTLVEHSGRVFRLQFDEFQIVSSSH
DDTILIWDFLNDPAAQAEPPRSPSRTYTYISR
;
A
2 'polypeptide(L)'
;PSIKLQSSDGEIFEVDVEIAKQSVTIKTMLEDLGMDPVPLPNVNAAILKKVIQWCTHHKDDPPDDIPVWDQEFLKVDQGT
LFELILAANYLDIKGLLDVTCKTVANMIKGKTPEEIRKTFNIKNDFTEEEEAQVRKENQWCEEK
;
B
3 'polypeptide(L)' CDRKAAVSHWQQQSYLD(SEP)GIHAGATTTAPSLSG C
#
loop_
_chem_comp.id
_chem_comp.type
_chem_comp.name
_chem_comp.formula
CL non-polymer 'CHLORIDE ION' 'Cl -1'
J97 non-polymer '3-({4-[(2,6-dichlorophenyl)sulfanyl]-2-oxo-6-(trifluoromethyl)-1,2-dihydropyridine-3-carbonyl}amino)benzoic acid' 'C20 H11 Cl2 F3 N2 O4 S'
PO4 non-polymer 'PHOSPHATE ION' 'O4 P -3'
#
# COMPACT_ATOMS: atom_id res chain seq x y z
N SER A 1 35.32 12.02 26.35
CA SER A 1 34.15 11.33 25.80
C SER A 1 33.85 10.07 26.59
N MET A 2 32.62 9.95 27.06
CA MET A 2 32.20 8.74 27.77
C MET A 2 32.06 7.57 26.80
N LEU A 3 32.43 6.38 27.27
CA LEU A 3 32.34 5.18 26.44
C LEU A 3 30.88 4.79 26.21
N GLN A 4 30.09 4.72 27.30
CA GLN A 4 28.68 4.32 27.24
C GLN A 4 27.81 5.38 27.90
N ARG A 5 26.53 5.35 27.53
CA ARG A 5 25.57 6.37 27.95
C ARG A 5 24.19 5.76 27.85
N ASP A 6 23.41 5.86 28.94
CA ASP A 6 22.02 5.41 28.97
C ASP A 6 21.17 6.50 28.32
N PHE A 7 21.02 6.40 26.99
CA PHE A 7 20.24 7.38 26.24
C PHE A 7 18.83 7.54 26.80
N ILE A 8 18.16 6.43 27.12
CA ILE A 8 16.75 6.51 27.47
C ILE A 8 16.57 7.11 28.86
N THR A 9 17.54 6.93 29.76
CA THR A 9 17.50 7.67 31.03
C THR A 9 18.00 9.10 30.88
N ALA A 10 19.08 9.30 30.11
CA ALA A 10 19.76 10.59 30.06
C ALA A 10 18.89 11.67 29.39
N LEU A 11 18.22 11.31 28.30
CA LEU A 11 17.44 12.29 27.55
C LEU A 11 16.30 12.90 28.37
N PRO A 12 15.43 12.14 29.03
CA PRO A 12 14.42 12.79 29.88
C PRO A 12 15.04 13.61 31.00
N ALA A 13 16.22 13.22 31.48
CA ALA A 13 16.82 13.93 32.60
C ALA A 13 17.08 15.37 32.24
N ARG A 14 17.38 15.64 30.96
CA ARG A 14 17.67 16.99 30.48
C ARG A 14 16.43 17.64 29.87
N GLY A 15 15.24 17.09 30.12
CA GLY A 15 14.04 17.68 29.57
C GLY A 15 13.82 17.37 28.11
N LEU A 16 14.43 16.29 27.61
CA LEU A 16 14.25 15.86 26.23
C LEU A 16 13.52 14.52 26.10
N ASP A 17 12.43 14.36 26.86
CA ASP A 17 11.69 13.10 26.85
C ASP A 17 11.29 12.67 25.44
N HIS A 18 10.87 13.61 24.59
CA HIS A 18 10.36 13.25 23.27
C HIS A 18 11.41 12.55 22.42
N ILE A 19 12.68 12.95 22.55
CA ILE A 19 13.74 12.26 21.83
C ILE A 19 13.84 10.81 22.27
N ALA A 20 13.80 10.56 23.58
CA ALA A 20 13.80 9.19 24.08
C ALA A 20 12.60 8.41 23.56
N GLU A 21 11.41 9.04 23.57
CA GLU A 21 10.23 8.39 23.02
C GLU A 21 10.40 8.09 21.53
N ASN A 22 11.01 9.03 20.79
CA ASN A 22 11.18 8.83 19.35
C ASN A 22 12.12 7.66 19.05
N ILE A 23 13.23 7.55 19.79
CA ILE A 23 14.11 6.39 19.67
C ILE A 23 13.34 5.09 19.84
N LEU A 24 12.58 5.00 20.94
CA LEU A 24 11.84 3.78 21.23
C LEU A 24 10.70 3.52 20.25
N SER A 25 10.17 4.56 19.61
CA SER A 25 9.07 4.36 18.67
C SER A 25 9.50 3.53 17.47
N TYR A 26 10.81 3.36 17.24
CA TYR A 26 11.28 2.57 16.11
C TYR A 26 11.29 1.07 16.43
N LEU A 27 11.16 0.70 17.70
CA LEU A 27 11.17 -0.69 18.08
C LEU A 27 9.93 -1.42 17.57
N ASP A 28 10.13 -2.65 17.10
CA ASP A 28 9.04 -3.59 16.95
C ASP A 28 8.49 -3.98 18.32
N ALA A 29 7.32 -4.63 18.30
CA ALA A 29 6.61 -4.98 19.53
C ALA A 29 7.53 -5.70 20.50
N LYS A 30 8.23 -6.73 20.03
CA LYS A 30 8.99 -7.58 20.93
C LYS A 30 10.15 -6.82 21.55
N SER A 31 10.76 -5.91 20.78
CA SER A 31 11.82 -5.09 21.32
C SER A 31 11.27 -4.04 22.28
N LEU A 32 10.03 -3.60 22.06
CA LEU A 32 9.38 -2.68 22.99
C LEU A 32 9.07 -3.36 24.31
N CYS A 33 8.67 -4.63 24.26
CA CYS A 33 8.55 -5.42 25.49
C CYS A 33 9.89 -5.52 26.20
N ALA A 34 10.96 -5.81 25.45
CA ALA A 34 12.29 -5.87 26.04
C ALA A 34 12.64 -4.54 26.71
N ALA A 35 12.40 -3.43 26.01
CA ALA A 35 12.73 -2.11 26.55
C ALA A 35 12.01 -1.87 27.87
N GLU A 36 10.75 -2.30 27.96
CA GLU A 36 9.99 -2.16 29.20
C GLU A 36 10.69 -2.78 30.39
N LEU A 37 11.41 -3.88 30.18
CA LEU A 37 12.03 -4.64 31.26
C LEU A 37 13.50 -4.28 31.48
N VAL A 38 14.00 -3.23 30.83
CA VAL A 38 15.40 -2.87 30.99
C VAL A 38 15.65 -2.31 32.39
N CYS A 39 14.75 -1.44 32.86
CA CYS A 39 14.84 -0.80 34.17
C CYS A 39 13.63 0.11 34.31
N LYS A 40 13.40 0.56 35.55
CA LYS A 40 12.19 1.31 35.89
C LYS A 40 12.05 2.55 35.04
N GLU A 41 13.15 3.28 34.80
CA GLU A 41 13.04 4.52 34.03
C GLU A 41 12.70 4.24 32.57
N TRP A 42 13.27 3.18 32.00
CA TRP A 42 12.89 2.79 30.64
C TRP A 42 11.40 2.47 30.58
N TYR A 43 10.89 1.74 31.56
CA TYR A 43 9.46 1.44 31.61
C TYR A 43 8.65 2.72 31.66
N ARG A 44 9.06 3.66 32.52
CA ARG A 44 8.30 4.91 32.66
C ARG A 44 8.27 5.68 31.36
N VAL A 45 9.38 5.67 30.61
CA VAL A 45 9.41 6.41 29.35
C VAL A 45 8.43 5.81 28.36
N THR A 46 8.38 4.47 28.29
CA THR A 46 7.47 3.81 27.36
C THR A 46 6.03 4.02 27.80
N SER A 47 5.79 4.04 29.11
CA SER A 47 4.43 4.12 29.64
C SER A 47 3.90 5.54 29.57
N ASP A 48 4.60 6.49 30.19
CA ASP A 48 4.26 7.90 30.07
C ASP A 48 4.29 8.39 28.63
N GLY A 49 5.07 7.75 27.77
CA GLY A 49 5.07 8.16 26.38
C GLY A 49 3.99 7.57 25.52
N MET A 50 3.16 6.68 26.09
CA MET A 50 2.06 6.04 25.36
C MET A 50 2.61 5.34 24.12
N LEU A 51 3.67 4.58 24.32
CA LEU A 51 4.38 3.99 23.19
C LEU A 51 3.58 2.88 22.53
N TRP A 52 2.75 2.17 23.30
CA TRP A 52 1.95 1.12 22.72
C TRP A 52 0.85 1.72 21.85
N LYS A 53 0.26 2.83 22.31
CA LYS A 53 -0.65 3.59 21.46
C LYS A 53 0.04 4.06 20.19
N LYS A 54 1.25 4.62 20.32
CA LYS A 54 1.98 5.08 19.15
C LYS A 54 2.34 3.93 18.23
N LEU A 55 2.62 2.75 18.79
CA LEU A 55 2.97 1.62 17.95
C LEU A 55 1.76 1.13 17.15
N ILE A 56 0.60 1.05 17.80
CA ILE A 56 -0.62 0.68 17.09
C ILE A 56 -0.94 1.72 16.03
N GLU A 57 -0.75 3.01 16.36
CA GLU A 57 -1.02 4.07 15.39
C GLU A 57 -0.07 3.97 14.21
N ARG A 58 1.21 3.64 14.45
CA ARG A 58 2.14 3.50 13.34
C ARG A 58 1.73 2.35 12.42
N MET A 59 1.23 1.25 13.00
CA MET A 59 0.74 0.15 12.17
C MET A 59 -0.46 0.57 11.33
N VAL A 60 -1.42 1.25 11.95
CA VAL A 60 -2.62 1.68 11.21
C VAL A 60 -2.22 2.58 10.06
N ARG A 61 -1.21 3.43 10.27
CA ARG A 61 -0.74 4.33 9.22
C ARG A 61 -0.03 3.60 8.10
N THR A 62 0.58 2.43 8.38
CA THR A 62 1.45 1.78 7.41
C THR A 62 0.94 0.43 6.92
N ASP A 63 -0.19 -0.06 7.41
CA ASP A 63 -0.66 -1.40 7.07
C ASP A 63 -2.18 -1.38 6.96
N SER A 64 -2.69 -1.57 5.73
CA SER A 64 -4.13 -1.51 5.52
C SER A 64 -4.87 -2.60 6.30
N LEU A 65 -4.20 -3.72 6.59
CA LEU A 65 -4.80 -4.76 7.42
C LEU A 65 -5.10 -4.23 8.81
N TRP A 66 -4.11 -3.59 9.44
CA TRP A 66 -4.34 -2.96 10.74
C TRP A 66 -5.36 -1.84 10.65
N ARG A 67 -5.30 -1.02 9.59
CA ARG A 67 -6.30 0.02 9.41
C ARG A 67 -7.70 -0.58 9.30
N GLY A 68 -7.85 -1.62 8.47
CA GLY A 68 -9.15 -2.26 8.33
C GLY A 68 -9.68 -2.82 9.63
N LEU A 69 -8.80 -3.39 10.45
CA LEU A 69 -9.23 -3.96 11.73
C LEU A 69 -9.61 -2.87 12.71
N ALA A 70 -8.85 -1.78 12.77
CA ALA A 70 -9.20 -0.65 13.62
C ALA A 70 -10.63 -0.19 13.36
N GLU A 71 -11.04 -0.16 12.09
CA GLU A 71 -12.39 0.27 11.76
C GLU A 71 -13.40 -0.83 12.04
N ARG A 72 -13.09 -2.06 11.62
CA ARG A 72 -14.04 -3.15 11.73
C ARG A 72 -14.24 -3.60 13.18
N ARG A 73 -13.18 -3.56 14.00
CA ARG A 73 -13.31 -4.00 15.38
C ARG A 73 -13.72 -2.88 16.34
N GLY A 74 -13.55 -1.62 15.95
CA GLY A 74 -13.95 -0.50 16.78
C GLY A 74 -12.92 0.03 17.76
N TRP A 75 -11.79 -0.65 17.97
CA TRP A 75 -10.76 -0.07 18.81
C TRP A 75 -10.10 1.14 18.17
N GLY A 76 -10.27 1.33 16.85
CA GLY A 76 -9.80 2.54 16.19
C GLY A 76 -10.38 3.81 16.78
N GLN A 77 -11.54 3.73 17.44
CA GLN A 77 -12.13 4.87 18.12
C GLN A 77 -11.18 5.48 19.15
N TYR A 78 -10.31 4.67 19.76
CA TYR A 78 -9.41 5.15 20.80
C TYR A 78 -8.13 5.77 20.27
N LEU A 79 -7.91 5.73 18.96
CA LEU A 79 -6.63 6.13 18.39
C LEU A 79 -6.68 7.58 17.94
N PHE A 80 -5.51 8.23 17.94
CA PHE A 80 -5.37 9.60 17.47
C PHE A 80 -6.21 10.57 18.29
N PRO A 90 -8.08 6.44 28.12
CA PRO A 90 -7.54 5.09 27.94
C PRO A 90 -6.04 5.01 28.18
N PRO A 91 -5.63 4.30 29.23
CA PRO A 91 -4.23 4.37 29.66
C PRO A 91 -3.33 3.56 28.74
N ASN A 92 -2.02 3.74 28.94
CA ASN A 92 -1.03 2.99 28.17
C ASN A 92 -1.28 1.49 28.24
N SER A 93 -1.59 0.98 29.44
CA SER A 93 -1.76 -0.45 29.62
C SER A 93 -2.90 -1.01 28.77
N PHE A 94 -3.89 -0.19 28.42
CA PHE A 94 -4.96 -0.67 27.55
C PHE A 94 -4.41 -1.06 26.18
N TYR A 95 -3.56 -0.21 25.61
CA TYR A 95 -3.00 -0.52 24.30
C TYR A 95 -2.02 -1.68 24.36
N ARG A 96 -1.25 -1.77 25.46
CA ARG A 96 -0.36 -2.91 25.61
C ARG A 96 -1.13 -4.23 25.66
N ALA A 97 -2.25 -4.25 26.37
CA ALA A 97 -3.07 -5.46 26.42
C ALA A 97 -3.84 -5.68 25.12
N LEU A 98 -4.12 -4.62 24.36
CA LEU A 98 -4.83 -4.79 23.10
C LEU A 98 -3.95 -5.42 22.04
N TYR A 99 -2.67 -5.03 22.00
CA TYR A 99 -1.77 -5.44 20.92
C TYR A 99 -1.77 -6.94 20.67
N PRO A 100 -1.63 -7.82 21.66
CA PRO A 100 -1.69 -9.26 21.37
C PRO A 100 -3.03 -9.71 20.83
N LYS A 101 -4.13 -9.05 21.22
CA LYS A 101 -5.43 -9.42 20.68
C LYS A 101 -5.49 -9.13 19.19
N ILE A 102 -4.86 -8.04 18.75
CA ILE A 102 -4.79 -7.72 17.33
C ILE A 102 -3.97 -8.78 16.59
N ILE A 103 -2.83 -9.16 17.16
CA ILE A 103 -2.00 -10.20 16.56
C ILE A 103 -2.80 -11.48 16.37
N GLN A 104 -3.45 -11.94 17.45
CA GLN A 104 -4.26 -13.15 17.35
C GLN A 104 -5.34 -12.99 16.29
N ASP A 105 -5.94 -11.80 16.21
CA ASP A 105 -6.98 -11.55 15.21
C ASP A 105 -6.43 -11.74 13.80
N ILE A 106 -5.27 -11.14 13.52
CA ILE A 106 -4.61 -11.32 12.23
C ILE A 106 -4.37 -12.80 11.96
N GLU A 107 -3.84 -13.52 12.95
CA GLU A 107 -3.55 -14.94 12.78
C GLU A 107 -4.80 -15.72 12.39
N THR A 108 -5.91 -15.46 13.07
CA THR A 108 -7.16 -16.16 12.74
C THR A 108 -7.66 -15.78 11.35
N ILE A 109 -7.48 -14.51 10.95
CA ILE A 109 -7.88 -14.10 9.61
C ILE A 109 -7.01 -14.81 8.57
N GLU A 110 -5.69 -14.82 8.79
CA GLU A 110 -4.79 -15.48 7.86
C GLU A 110 -5.08 -16.97 7.79
N SER A 111 -5.43 -17.57 8.93
CA SER A 111 -5.82 -18.98 8.94
C SER A 111 -7.10 -19.21 8.15
N ASN A 112 -8.07 -18.30 8.27
CA ASN A 112 -9.32 -18.47 7.54
C ASN A 112 -9.08 -18.47 6.02
N TRP A 113 -8.17 -17.60 5.55
CA TRP A 113 -7.82 -17.60 4.14
C TRP A 113 -7.21 -18.94 3.75
N ARG A 114 -6.20 -19.38 4.49
CA ARG A 114 -5.48 -20.61 4.15
C ARG A 114 -6.40 -21.82 4.15
N CYS A 115 -7.41 -21.84 5.01
CA CYS A 115 -8.28 -22.99 5.17
C CYS A 115 -9.64 -22.81 4.49
N GLY A 116 -9.87 -21.66 3.87
CA GLY A 116 -11.12 -21.46 3.16
C GLY A 116 -12.33 -21.29 4.04
N ARG A 117 -12.14 -20.90 5.30
CA ARG A 117 -13.25 -20.67 6.22
C ARG A 117 -13.77 -19.25 6.01
N HIS A 118 -15.05 -19.13 5.71
CA HIS A 118 -15.64 -17.83 5.41
C HIS A 118 -17.15 -17.90 5.62
N SER A 119 -17.75 -16.73 5.78
CA SER A 119 -19.19 -16.59 5.58
C SER A 119 -19.46 -16.06 4.18
N LEU A 120 -20.71 -16.20 3.75
CA LEU A 120 -21.09 -15.91 2.38
C LEU A 120 -22.37 -15.10 2.35
N GLN A 121 -22.35 -13.97 1.66
CA GLN A 121 -23.56 -13.25 1.31
C GLN A 121 -23.78 -13.34 -0.19
N ARG A 122 -25.04 -13.51 -0.59
CA ARG A 122 -25.40 -13.71 -1.99
C ARG A 122 -26.47 -12.69 -2.36
N ILE A 123 -26.15 -11.81 -3.29
CA ILE A 123 -27.14 -10.93 -3.89
C ILE A 123 -27.63 -11.57 -5.19
N HIS A 124 -28.95 -11.79 -5.29
CA HIS A 124 -29.59 -12.15 -6.54
C HIS A 124 -29.97 -10.86 -7.26
N CYS A 125 -29.31 -10.59 -8.39
CA CYS A 125 -29.55 -9.35 -9.12
C CYS A 125 -30.93 -9.30 -9.79
N ARG A 126 -31.61 -10.45 -9.92
CA ARG A 126 -32.99 -10.49 -10.40
C ARG A 126 -33.13 -9.85 -11.78
N SER A 127 -32.15 -10.08 -12.64
CA SER A 127 -32.22 -9.59 -14.01
C SER A 127 -33.42 -10.23 -14.73
N GLU A 128 -34.26 -9.38 -15.31
CA GLU A 128 -35.49 -9.88 -15.91
C GLU A 128 -35.21 -10.74 -17.14
N THR A 129 -34.30 -10.32 -18.01
CA THR A 129 -34.10 -11.03 -19.26
C THR A 129 -32.69 -11.59 -19.41
N SER A 130 -31.75 -10.75 -19.78
CA SER A 130 -30.36 -11.17 -19.99
C SER A 130 -29.61 -11.18 -18.68
N LYS A 131 -29.31 -12.37 -18.17
CA LYS A 131 -28.70 -12.52 -16.86
C LYS A 131 -27.19 -12.29 -16.93
N GLY A 132 -26.65 -11.73 -15.86
CA GLY A 132 -25.21 -11.75 -15.62
C GLY A 132 -24.64 -10.40 -15.23
N VAL A 133 -23.58 -10.43 -14.43
CA VAL A 133 -22.92 -9.24 -13.91
C VAL A 133 -21.48 -9.25 -14.42
N TYR A 134 -21.20 -8.35 -15.37
CA TYR A 134 -19.89 -8.37 -16.04
C TYR A 134 -18.79 -7.72 -15.22
N CYS A 135 -19.12 -6.81 -14.31
CA CYS A 135 -18.09 -5.98 -13.68
C CYS A 135 -18.62 -5.40 -12.38
N LEU A 136 -17.70 -4.96 -11.54
CA LEU A 136 -18.06 -4.49 -10.20
C LEU A 136 -16.88 -3.77 -9.58
N GLN A 137 -17.20 -2.85 -8.67
CA GLN A 137 -16.24 -2.25 -7.76
C GLN A 137 -16.99 -1.95 -6.47
N TYR A 138 -16.28 -2.00 -5.34
CA TYR A 138 -16.96 -1.85 -4.06
C TYR A 138 -16.10 -1.05 -3.09
N ASP A 139 -16.77 -0.48 -2.10
CA ASP A 139 -16.13 0.13 -0.95
C ASP A 139 -16.92 -0.32 0.29
N ASP A 140 -16.71 0.36 1.41
CA ASP A 140 -17.41 -0.01 2.64
C ASP A 140 -18.88 0.35 2.61
N GLN A 141 -19.27 1.31 1.77
CA GLN A 141 -20.66 1.75 1.66
C GLN A 141 -21.45 1.03 0.59
N LYS A 142 -20.86 0.71 -0.56
CA LYS A 142 -21.66 0.31 -1.71
C LYS A 142 -20.89 -0.67 -2.59
N ILE A 143 -21.66 -1.41 -3.38
CA ILE A 143 -21.17 -2.17 -4.52
C ILE A 143 -21.78 -1.59 -5.79
N VAL A 144 -20.92 -1.16 -6.72
CA VAL A 144 -21.36 -0.71 -8.03
C VAL A 144 -21.11 -1.82 -9.03
N SER A 145 -22.14 -2.17 -9.80
CA SER A 145 -22.11 -3.35 -10.66
C SER A 145 -22.66 -3.01 -12.04
N GLY A 146 -22.06 -3.61 -13.06
CA GLY A 146 -22.49 -3.46 -14.44
C GLY A 146 -23.07 -4.77 -14.94
N LEU A 147 -24.19 -4.68 -15.66
CA LEU A 147 -25.01 -5.85 -15.92
C LEU A 147 -25.26 -6.00 -17.42
N ARG A 148 -25.48 -7.26 -17.83
CA ARG A 148 -25.83 -7.59 -19.19
C ARG A 148 -27.19 -7.05 -19.62
N ASP A 149 -28.02 -6.58 -18.68
CA ASP A 149 -29.30 -5.97 -19.04
C ASP A 149 -29.19 -4.48 -19.35
N ASN A 150 -27.98 -3.94 -19.47
CA ASN A 150 -27.63 -2.57 -19.93
C ASN A 150 -27.63 -1.57 -18.78
N THR A 151 -27.86 -1.98 -17.54
CA THR A 151 -27.92 -1.04 -16.44
C THR A 151 -26.72 -1.17 -15.50
N ILE A 152 -26.56 -0.14 -14.68
CA ILE A 152 -25.69 -0.17 -13.51
C ILE A 152 -26.59 -0.20 -12.28
N LYS A 153 -26.37 -1.17 -11.40
CA LYS A 153 -27.09 -1.30 -10.15
C LYS A 153 -26.15 -1.00 -8.99
N ILE A 154 -26.58 -0.15 -8.07
CA ILE A 154 -25.81 0.19 -6.89
C ILE A 154 -26.43 -0.52 -5.69
N TRP A 155 -25.65 -1.34 -5.01
CA TRP A 155 -26.11 -2.12 -3.87
C TRP A 155 -25.53 -1.57 -2.57
N ASP A 156 -26.35 -1.56 -1.52
CA ASP A 156 -25.87 -1.20 -0.20
C ASP A 156 -24.99 -2.31 0.34
N LYS A 157 -23.74 -1.98 0.70
CA LYS A 157 -22.80 -3.00 1.13
C LYS A 157 -23.28 -3.72 2.39
N ASN A 158 -24.02 -3.05 3.26
CA ASN A 158 -24.45 -3.63 4.53
C ASN A 158 -25.79 -4.35 4.44
N THR A 159 -26.80 -3.72 3.83
CA THR A 159 -28.12 -4.32 3.75
C THR A 159 -28.35 -5.16 2.50
N LEU A 160 -27.46 -5.09 1.51
CA LEU A 160 -27.53 -5.84 0.26
C LEU A 160 -28.72 -5.45 -0.61
N GLU A 161 -29.45 -4.41 -0.23
CA GLU A 161 -30.55 -3.91 -1.05
C GLU A 161 -30.03 -3.08 -2.21
N CYS A 162 -30.85 -3.01 -3.27
CA CYS A 162 -30.51 -2.20 -4.44
C CYS A 162 -30.92 -0.76 -4.18
N LYS A 163 -29.96 0.16 -4.26
CA LYS A 163 -30.22 1.55 -3.95
C LYS A 163 -30.40 2.43 -5.17
N ARG A 164 -29.91 2.00 -6.34
CA ARG A 164 -30.00 2.81 -7.53
C ARG A 164 -29.80 1.93 -8.75
N ILE A 165 -30.62 2.15 -9.78
CA ILE A 165 -30.39 1.58 -11.12
C ILE A 165 -30.12 2.73 -12.07
N LEU A 166 -29.00 2.65 -12.78
CA LEU A 166 -28.63 3.66 -13.78
C LEU A 166 -28.85 3.10 -15.18
N THR A 167 -29.63 3.81 -15.98
CA THR A 167 -29.99 3.39 -17.33
C THR A 167 -29.48 4.42 -18.32
N GLY A 168 -29.19 3.96 -19.53
CA GLY A 168 -28.69 4.85 -20.56
C GLY A 168 -27.86 4.15 -21.61
N HIS A 169 -27.00 3.22 -21.19
CA HIS A 169 -26.36 2.35 -22.15
C HIS A 169 -27.41 1.54 -22.90
N THR A 170 -27.13 1.25 -24.17
CA THR A 170 -28.01 0.42 -24.98
C THR A 170 -27.43 -0.97 -25.23
N GLY A 171 -26.29 -1.30 -24.60
CA GLY A 171 -25.82 -2.66 -24.53
C GLY A 171 -25.22 -2.95 -23.18
N SER A 172 -24.66 -4.17 -23.04
CA SER A 172 -24.18 -4.64 -21.75
C SER A 172 -23.13 -3.68 -21.19
N VAL A 173 -23.10 -3.56 -19.87
CA VAL A 173 -22.10 -2.77 -19.18
C VAL A 173 -20.95 -3.73 -18.88
N LEU A 174 -19.89 -3.62 -19.68
CA LEU A 174 -18.79 -4.58 -19.65
C LEU A 174 -17.71 -4.23 -18.65
N CYS A 175 -17.48 -2.94 -18.41
CA CYS A 175 -16.40 -2.50 -17.53
C CYS A 175 -16.85 -1.25 -16.81
N LEU A 176 -16.27 -1.02 -15.63
CA LEU A 176 -16.57 0.17 -14.88
C LEU A 176 -15.49 0.43 -13.85
N GLN A 177 -15.37 1.70 -13.46
CA GLN A 177 -14.55 2.13 -12.36
C GLN A 177 -15.17 3.41 -11.80
N TYR A 178 -15.02 3.63 -10.50
CA TYR A 178 -15.47 4.88 -9.93
C TYR A 178 -14.47 5.39 -8.91
N ASP A 179 -14.56 6.68 -8.64
CA ASP A 179 -13.77 7.33 -7.61
C ASP A 179 -14.74 8.16 -6.76
N GLU A 180 -14.21 9.14 -6.05
CA GLU A 180 -15.04 9.97 -5.19
C GLU A 180 -15.98 10.89 -5.97
N ARG A 181 -15.75 11.09 -7.27
CA ARG A 181 -16.62 11.99 -8.04
C ARG A 181 -17.47 11.31 -9.11
N VAL A 182 -16.93 10.36 -9.88
CA VAL A 182 -17.64 9.89 -11.07
C VAL A 182 -17.57 8.37 -11.16
N ILE A 183 -18.58 7.78 -11.80
CA ILE A 183 -18.53 6.42 -12.32
C ILE A 183 -18.32 6.52 -13.82
N ILE A 184 -17.39 5.74 -14.34
CA ILE A 184 -17.16 5.65 -15.78
C ILE A 184 -17.38 4.20 -16.21
N THR A 185 -18.18 4.02 -17.26
CA THR A 185 -18.61 2.70 -17.71
C THR A 185 -18.33 2.57 -19.20
N GLY A 186 -17.97 1.36 -19.61
CA GLY A 186 -17.86 1.03 -21.02
C GLY A 186 -18.79 -0.14 -21.36
N SER A 187 -19.26 -0.15 -22.60
CA SER A 187 -20.43 -0.92 -22.96
C SER A 187 -20.24 -1.58 -24.32
N SER A 188 -20.95 -2.71 -24.51
CA SER A 188 -21.14 -3.29 -25.84
C SER A 188 -21.70 -2.30 -26.85
N ASP A 189 -22.31 -1.19 -26.42
CA ASP A 189 -22.81 -0.23 -27.39
C ASP A 189 -21.73 0.67 -27.94
N SER A 190 -20.47 0.45 -27.55
CA SER A 190 -19.26 1.09 -28.07
C SER A 190 -19.04 2.47 -27.46
N THR A 191 -19.83 2.86 -26.47
CA THR A 191 -19.68 4.16 -25.84
C THR A 191 -19.07 4.02 -24.44
N VAL A 192 -18.48 5.13 -24.00
CA VAL A 192 -18.07 5.33 -22.62
C VAL A 192 -18.99 6.38 -22.02
N ARG A 193 -19.50 6.12 -20.82
CA ARG A 193 -20.38 7.05 -20.13
C ARG A 193 -19.84 7.39 -18.75
N VAL A 194 -20.14 8.62 -18.32
CA VAL A 194 -19.65 9.18 -17.06
C VAL A 194 -20.85 9.54 -16.21
N TRP A 195 -20.91 9.00 -15.00
CA TRP A 195 -22.05 9.18 -14.11
C TRP A 195 -21.59 9.79 -12.79
N ASP A 196 -22.46 10.63 -12.21
CA ASP A 196 -22.25 11.18 -10.87
C ASP A 196 -22.41 10.08 -9.81
N VAL A 197 -21.37 9.86 -9.00
CA VAL A 197 -21.42 8.74 -8.07
C VAL A 197 -22.47 8.94 -6.99
N ASN A 198 -22.81 10.20 -6.67
CA ASN A 198 -23.82 10.43 -5.65
C ASN A 198 -25.25 10.36 -6.20
N THR A 199 -25.52 11.06 -7.31
CA THR A 199 -26.90 11.14 -7.78
C THR A 199 -27.20 10.20 -8.95
N GLY A 200 -26.19 9.67 -9.62
CA GLY A 200 -26.39 8.82 -10.77
C GLY A 200 -26.65 9.53 -12.09
N GLU A 201 -26.81 10.85 -12.08
CA GLU A 201 -27.05 11.59 -13.31
C GLU A 201 -25.93 11.37 -14.33
N MET A 202 -26.32 11.09 -15.57
CA MET A 202 -25.38 10.97 -16.67
C MET A 202 -24.77 12.33 -16.99
N LEU A 203 -23.44 12.41 -16.95
CA LEU A 203 -22.73 13.66 -17.13
C LEU A 203 -22.04 13.79 -18.48
N ASN A 204 -21.65 12.67 -19.09
CA ASN A 204 -20.94 12.74 -20.37
C ASN A 204 -21.01 11.38 -21.06
N THR A 205 -20.89 11.42 -22.38
CA THR A 205 -20.82 10.23 -23.22
C THR A 205 -19.71 10.44 -24.25
N LEU A 206 -18.80 9.48 -24.34
CA LEU A 206 -17.73 9.55 -25.33
C LEU A 206 -18.02 8.61 -26.50
N ILE A 207 -18.20 9.21 -27.68
CA ILE A 207 -18.39 8.48 -28.93
C ILE A 207 -17.04 8.44 -29.62
N HIS A 208 -16.50 7.24 -29.80
CA HIS A 208 -15.18 7.11 -30.40
C HIS A 208 -14.88 5.70 -30.90
N HIS A 209 -15.01 4.72 -30.03
CA HIS A 209 -14.71 3.35 -30.42
C HIS A 209 -15.72 2.83 -31.42
N CYS A 210 -15.27 1.92 -32.27
CA CYS A 210 -16.06 1.34 -33.35
C CYS A 210 -16.76 0.06 -32.92
N GLU A 211 -16.41 -0.47 -31.75
CA GLU A 211 -16.88 -1.76 -31.27
C GLU A 211 -16.92 -1.67 -29.75
N ALA A 212 -17.49 -2.72 -29.14
CA ALA A 212 -17.63 -2.80 -27.69
C ALA A 212 -16.40 -2.27 -26.96
N VAL A 213 -16.65 -1.48 -25.92
CA VAL A 213 -15.61 -1.01 -25.01
C VAL A 213 -15.46 -2.07 -23.92
N LEU A 214 -14.35 -2.80 -23.96
CA LEU A 214 -14.19 -3.97 -23.10
C LEU A 214 -13.57 -3.64 -21.75
N HIS A 215 -12.74 -2.61 -21.66
CA HIS A 215 -12.13 -2.27 -20.38
C HIS A 215 -11.77 -0.80 -20.35
N LEU A 216 -11.61 -0.27 -19.15
CA LEU A 216 -11.12 1.08 -18.95
C LEU A 216 -10.53 1.21 -17.54
N ARG A 217 -9.58 2.13 -17.40
CA ARG A 217 -9.08 2.57 -16.11
C ARG A 217 -8.84 4.07 -16.18
N PHE A 218 -8.98 4.73 -15.03
CA PHE A 218 -8.66 6.15 -14.94
C PHE A 218 -8.08 6.45 -13.57
N ASN A 219 -7.35 7.57 -13.51
CA ASN A 219 -6.67 8.01 -12.31
C ASN A 219 -6.01 9.37 -12.56
N ASN A 220 -6.13 10.28 -11.60
CA ASN A 220 -5.37 11.53 -11.58
C ASN A 220 -5.47 12.26 -12.91
N GLY A 221 -6.71 12.48 -13.36
CA GLY A 221 -6.94 13.29 -14.55
C GLY A 221 -6.73 12.62 -15.88
N MET A 222 -6.39 11.32 -15.92
CA MET A 222 -6.27 10.63 -17.18
C MET A 222 -7.03 9.31 -17.14
N MET A 223 -7.41 8.83 -18.34
CA MET A 223 -8.16 7.59 -18.50
C MET A 223 -7.60 6.84 -19.69
N VAL A 224 -7.58 5.51 -19.61
CA VAL A 224 -7.31 4.66 -20.76
C VAL A 224 -8.54 3.78 -21.03
N THR A 225 -8.94 3.69 -22.29
CA THR A 225 -10.03 2.82 -22.71
C THR A 225 -9.53 1.89 -23.81
N CYS A 226 -10.15 0.71 -23.92
CA CYS A 226 -9.78 -0.24 -24.96
C CYS A 226 -11.02 -0.99 -25.43
N SER A 227 -10.92 -1.57 -26.63
CA SER A 227 -12.10 -1.94 -27.38
C SER A 227 -11.85 -3.21 -28.18
N LYS A 228 -12.94 -3.94 -28.43
CA LYS A 228 -12.99 -4.98 -29.46
C LYS A 228 -12.50 -4.48 -30.83
N ASP A 229 -12.52 -3.17 -31.07
CA ASP A 229 -12.07 -2.65 -32.36
C ASP A 229 -10.55 -2.64 -32.51
N ARG A 230 -9.81 -3.20 -31.55
CA ARG A 230 -8.37 -3.48 -31.59
C ARG A 230 -7.54 -2.25 -31.23
N SER A 231 -8.15 -1.16 -30.79
CA SER A 231 -7.43 0.06 -30.48
C SER A 231 -7.48 0.35 -28.98
N ILE A 232 -6.56 1.20 -28.55
CA ILE A 232 -6.58 1.80 -27.21
C ILE A 232 -6.71 3.31 -27.35
N ALA A 233 -7.57 3.91 -26.54
CA ALA A 233 -7.69 5.35 -26.47
C ALA A 233 -7.18 5.89 -25.14
N VAL A 234 -6.42 6.97 -25.19
CA VAL A 234 -5.84 7.64 -24.03
C VAL A 234 -6.51 9.00 -23.90
N TRP A 235 -7.11 9.27 -22.75
CA TRP A 235 -7.92 10.47 -22.57
C TRP A 235 -7.34 11.37 -21.49
N ASP A 236 -7.50 12.67 -21.68
CA ASP A 236 -7.24 13.68 -20.65
C ASP A 236 -8.56 14.21 -20.13
N MET A 237 -8.79 14.10 -18.82
CA MET A 237 -10.04 14.51 -18.21
C MET A 237 -9.79 15.74 -17.34
N ALA A 238 -10.06 16.92 -17.90
CA ALA A 238 -10.02 18.14 -17.09
C ALA A 238 -11.20 18.21 -16.13
N SER A 239 -12.27 17.48 -16.40
CA SER A 239 -13.47 17.49 -15.59
C SER A 239 -14.43 16.43 -16.15
N PRO A 240 -15.45 16.03 -15.39
CA PRO A 240 -16.42 15.05 -15.93
C PRO A 240 -17.00 15.42 -17.28
N THR A 241 -17.11 16.72 -17.59
CA THR A 241 -17.75 17.19 -18.80
C THR A 241 -16.76 17.71 -19.83
N ASP A 242 -15.46 17.70 -19.54
CA ASP A 242 -14.42 18.19 -20.44
C ASP A 242 -13.36 17.10 -20.58
N ILE A 243 -13.58 16.17 -21.50
CA ILE A 243 -12.71 15.01 -21.69
C ILE A 243 -12.26 15.01 -23.16
N THR A 244 -10.94 15.07 -23.36
CA THR A 244 -10.36 15.17 -24.69
C THR A 244 -9.52 13.93 -25.00
N LEU A 245 -9.63 13.45 -26.24
CA LEU A 245 -8.76 12.40 -26.75
C LEU A 245 -7.34 12.90 -26.89
N ARG A 246 -6.40 12.25 -26.20
CA ARG A 246 -4.99 12.59 -26.39
C ARG A 246 -4.33 11.77 -27.49
N ARG A 247 -4.51 10.44 -27.49
CA ARG A 247 -3.81 9.58 -28.44
C ARG A 247 -4.61 8.30 -28.62
N VAL A 248 -4.48 7.71 -29.81
CA VAL A 248 -4.95 6.35 -30.09
C VAL A 248 -3.74 5.46 -30.28
N LEU A 249 -3.65 4.38 -29.50
CA LEU A 249 -2.59 3.39 -29.63
C LEU A 249 -3.11 2.22 -30.47
N VAL A 250 -2.39 1.91 -31.54
CA VAL A 250 -2.75 0.81 -32.42
C VAL A 250 -1.54 -0.11 -32.56
N GLY A 251 -1.82 -1.39 -32.82
CA GLY A 251 -0.76 -2.38 -32.94
C GLY A 251 -1.22 -3.78 -32.61
N HIS A 252 -2.25 -3.87 -31.78
CA HIS A 252 -2.87 -5.17 -31.51
C HIS A 252 -3.65 -5.66 -32.72
N ARG A 253 -3.64 -6.98 -32.92
CA ARG A 253 -4.25 -7.60 -34.08
C ARG A 253 -5.59 -8.25 -33.77
N ALA A 254 -6.09 -8.08 -32.56
CA ALA A 254 -7.40 -8.57 -32.17
C ALA A 254 -7.92 -7.66 -31.07
N ALA A 255 -9.13 -7.96 -30.60
CA ALA A 255 -9.73 -7.22 -29.49
C ALA A 255 -8.74 -7.01 -28.36
N VAL A 256 -8.78 -5.82 -27.77
CA VAL A 256 -8.01 -5.50 -26.57
C VAL A 256 -8.96 -5.71 -25.40
N ASN A 257 -8.70 -6.75 -24.61
CA ASN A 257 -9.63 -7.16 -23.56
C ASN A 257 -9.46 -6.39 -22.25
N VAL A 258 -8.28 -5.84 -21.98
CA VAL A 258 -8.04 -5.20 -20.68
C VAL A 258 -6.92 -4.18 -20.84
N VAL A 259 -6.96 -3.15 -20.01
CA VAL A 259 -5.90 -2.14 -19.94
C VAL A 259 -5.75 -1.70 -18.49
N ASP A 260 -4.51 -1.49 -18.07
CA ASP A 260 -4.20 -0.91 -16.78
C ASP A 260 -3.03 0.04 -16.97
N PHE A 261 -2.80 0.91 -16.00
CA PHE A 261 -1.69 1.84 -16.14
C PHE A 261 -1.31 2.42 -14.78
N ASP A 262 -0.11 3.00 -14.75
CA ASP A 262 0.31 3.91 -13.68
C ASP A 262 1.12 5.02 -14.33
N ASP A 263 1.89 5.74 -13.53
CA ASP A 263 2.67 6.85 -14.07
C ASP A 263 3.80 6.41 -14.98
N LYS A 264 4.28 5.16 -14.84
CA LYS A 264 5.35 4.69 -15.72
C LYS A 264 4.81 4.18 -17.05
N TYR A 265 3.84 3.27 -17.03
CA TYR A 265 3.48 2.53 -18.22
C TYR A 265 1.98 2.36 -18.33
N ILE A 266 1.50 2.26 -19.58
CA ILE A 266 0.20 1.70 -19.91
C ILE A 266 0.42 0.25 -20.35
N VAL A 267 -0.44 -0.65 -19.88
CA VAL A 267 -0.30 -2.07 -20.16
C VAL A 267 -1.62 -2.60 -20.72
N SER A 268 -1.56 -3.18 -21.91
CA SER A 268 -2.74 -3.67 -22.62
C SER A 268 -2.54 -5.14 -22.96
N ALA A 269 -3.65 -5.88 -23.00
CA ALA A 269 -3.60 -7.29 -23.37
C ALA A 269 -4.81 -7.63 -24.24
N SER A 270 -4.65 -8.68 -25.05
CA SER A 270 -5.46 -8.82 -26.24
C SER A 270 -5.71 -10.28 -26.54
N GLY A 271 -6.78 -10.54 -27.29
CA GLY A 271 -7.02 -11.80 -27.95
C GLY A 271 -5.91 -12.29 -28.85
N ASP A 272 -5.03 -11.37 -29.27
CA ASP A 272 -3.90 -11.71 -30.13
C ASP A 272 -2.75 -12.37 -29.36
N ARG A 273 -2.99 -12.78 -28.12
CA ARG A 273 -2.08 -13.56 -27.27
C ARG A 273 -0.93 -12.73 -26.68
N THR A 274 -0.97 -11.40 -26.77
CA THR A 274 0.17 -10.62 -26.31
C THR A 274 -0.27 -9.58 -25.29
N ILE A 275 0.71 -9.17 -24.47
CA ILE A 275 0.62 -7.99 -23.63
C ILE A 275 1.55 -6.95 -24.24
N LYS A 276 1.08 -5.71 -24.35
CA LYS A 276 1.92 -4.63 -24.83
C LYS A 276 2.06 -3.55 -23.77
N VAL A 277 3.25 -2.96 -23.72
CA VAL A 277 3.64 -1.99 -22.71
C VAL A 277 3.90 -0.67 -23.41
N TRP A 278 3.32 0.41 -22.89
CA TRP A 278 3.43 1.71 -23.52
C TRP A 278 3.86 2.73 -22.47
N ASN A 279 4.56 3.76 -22.93
CA ASN A 279 5.07 4.79 -22.04
C ASN A 279 3.95 5.79 -21.79
N THR A 280 3.58 5.98 -20.51
CA THR A 280 2.42 6.80 -20.21
C THR A 280 2.61 8.24 -20.68
N SER A 281 3.80 8.80 -20.44
CA SER A 281 4.05 10.19 -20.83
C SER A 281 4.00 10.38 -22.33
N THR A 282 4.64 9.47 -23.08
CA THR A 282 4.81 9.65 -24.53
C THR A 282 3.86 8.83 -25.38
N CYS A 283 3.21 7.81 -24.82
CA CYS A 283 2.34 6.89 -25.57
C CYS A 283 3.13 6.10 -26.62
N GLU A 284 4.46 6.06 -26.50
CA GLU A 284 5.28 5.25 -27.39
C GLU A 284 5.26 3.80 -26.97
N PHE A 285 5.19 2.91 -27.96
CA PHE A 285 5.33 1.48 -27.70
C PHE A 285 6.68 1.21 -27.04
N VAL A 286 6.68 0.31 -26.05
CA VAL A 286 7.90 -0.06 -25.33
C VAL A 286 8.29 -1.50 -25.62
N ARG A 287 7.38 -2.44 -25.39
CA ARG A 287 7.72 -3.85 -25.59
C ARG A 287 6.46 -4.69 -25.56
N THR A 288 6.55 -5.87 -26.18
CA THR A 288 5.52 -6.89 -26.19
C THR A 288 5.91 -8.00 -25.22
N LEU A 289 4.99 -8.40 -24.34
CA LEU A 289 5.19 -9.59 -23.53
C LEU A 289 4.50 -10.77 -24.23
N ASN A 290 5.31 -11.70 -24.71
CA ASN A 290 4.87 -12.95 -25.32
C ASN A 290 4.94 -14.09 -24.31
N GLY A 291 4.18 -15.15 -24.58
CA GLY A 291 4.29 -16.33 -23.76
C GLY A 291 3.02 -17.14 -23.56
N HIS A 292 1.90 -16.46 -23.32
CA HIS A 292 0.63 -17.15 -23.32
C HIS A 292 0.36 -17.81 -24.66
N LYS A 293 -0.27 -18.97 -24.63
CA LYS A 293 -0.49 -19.76 -25.84
C LYS A 293 -1.86 -19.50 -26.45
N ARG A 294 -2.71 -18.73 -25.79
CA ARG A 294 -4.01 -18.33 -26.31
C ARG A 294 -4.26 -16.89 -25.86
N GLY A 295 -5.45 -16.38 -26.16
CA GLY A 295 -5.76 -14.99 -25.84
C GLY A 295 -5.73 -14.73 -24.35
N ILE A 296 -5.48 -13.47 -24.01
CA ILE A 296 -5.44 -13.03 -22.62
C ILE A 296 -6.77 -12.39 -22.28
N ALA A 297 -7.39 -12.87 -21.20
CA ALA A 297 -8.71 -12.41 -20.80
C ALA A 297 -8.69 -11.36 -19.69
N CYS A 298 -7.63 -11.28 -18.90
CA CYS A 298 -7.67 -10.41 -17.73
C CYS A 298 -6.25 -10.09 -17.30
N LEU A 299 -6.13 -9.02 -16.51
CA LEU A 299 -4.81 -8.51 -16.16
C LEU A 299 -4.94 -7.47 -15.06
N GLN A 300 -3.93 -7.41 -14.20
CA GLN A 300 -3.70 -6.28 -13.30
C GLN A 300 -2.22 -5.95 -13.28
N TYR A 301 -1.92 -4.65 -13.17
CA TYR A 301 -0.53 -4.18 -13.20
C TYR A 301 -0.35 -3.19 -12.05
N ARG A 302 0.70 -3.41 -11.26
CA ARG A 302 1.08 -2.50 -10.19
C ARG A 302 2.58 -2.64 -9.96
N ASP A 303 3.23 -1.50 -9.71
CA ASP A 303 4.66 -1.45 -9.41
C ASP A 303 5.47 -1.99 -10.57
N ARG A 304 6.14 -3.13 -10.38
CA ARG A 304 6.81 -3.82 -11.47
C ARG A 304 6.11 -5.10 -11.90
N LEU A 305 5.00 -5.47 -11.27
CA LEU A 305 4.38 -6.78 -11.46
C LEU A 305 3.19 -6.66 -12.39
N VAL A 306 3.17 -7.48 -13.43
CA VAL A 306 1.98 -7.74 -14.25
C VAL A 306 1.53 -9.16 -13.98
N VAL A 307 0.23 -9.35 -13.76
CA VAL A 307 -0.38 -10.66 -13.64
C VAL A 307 -1.49 -10.77 -14.67
N SER A 308 -1.45 -11.82 -15.49
CA SER A 308 -2.39 -12.00 -16.58
C SER A 308 -3.03 -13.37 -16.52
N GLY A 309 -4.28 -13.43 -17.00
CA GLY A 309 -5.01 -14.69 -17.09
C GLY A 309 -5.47 -14.90 -18.52
N SER A 310 -5.46 -16.15 -18.97
CA SER A 310 -5.54 -16.45 -20.38
C SER A 310 -6.54 -17.57 -20.65
N SER A 311 -7.05 -17.59 -21.88
CA SER A 311 -7.75 -18.75 -22.41
C SER A 311 -6.93 -20.03 -22.37
N ASP A 312 -5.61 -19.94 -22.18
CA ASP A 312 -4.82 -21.17 -22.09
C ASP A 312 -4.92 -21.82 -20.72
N ASN A 313 -5.77 -21.29 -19.83
CA ASN A 313 -6.07 -21.78 -18.49
C ASN A 313 -4.97 -21.47 -17.49
N THR A 314 -3.92 -20.73 -17.86
CA THR A 314 -2.83 -20.43 -16.95
C THR A 314 -2.86 -18.97 -16.53
N ILE A 315 -2.12 -18.69 -15.47
CA ILE A 315 -1.79 -17.33 -15.02
C ILE A 315 -0.30 -17.13 -15.17
N ARG A 316 0.10 -15.95 -15.65
CA ARG A 316 1.51 -15.60 -15.76
C ARG A 316 1.82 -14.33 -14.99
N LEU A 317 2.97 -14.33 -14.33
CA LEU A 317 3.53 -13.19 -13.62
C LEU A 317 4.70 -12.64 -14.42
N TRP A 318 4.79 -11.30 -14.49
CA TRP A 318 5.77 -10.66 -15.35
C TRP A 318 6.40 -9.46 -14.65
N ASP A 319 7.68 -9.25 -14.91
CA ASP A 319 8.35 -8.01 -14.56
C ASP A 319 8.21 -7.03 -15.73
N ILE A 320 7.71 -5.83 -15.44
CA ILE A 320 7.42 -4.87 -16.50
C ILE A 320 8.69 -4.35 -17.17
N GLU A 321 9.79 -4.22 -16.42
CA GLU A 321 10.98 -3.56 -16.98
C GLU A 321 11.72 -4.44 -17.99
N CYS A 322 11.94 -5.72 -17.67
CA CYS A 322 12.64 -6.60 -18.60
C CYS A 322 11.71 -7.51 -19.39
N GLY A 323 10.40 -7.50 -19.09
CA GLY A 323 9.46 -8.34 -19.81
C GLY A 323 9.52 -9.80 -19.49
N ALA A 324 10.38 -10.22 -18.57
CA ALA A 324 10.52 -11.62 -18.22
C ALA A 324 9.23 -12.15 -17.59
N CYS A 325 8.88 -13.38 -17.93
CA CYS A 325 7.84 -14.09 -17.19
C CYS A 325 8.46 -14.75 -15.97
N LEU A 326 7.99 -14.38 -14.78
CA LEU A 326 8.60 -14.85 -13.54
C LEU A 326 8.03 -16.16 -13.05
N ARG A 327 6.83 -16.55 -13.49
CA ARG A 327 6.14 -17.71 -12.95
C ARG A 327 4.91 -17.99 -13.79
N VAL A 328 4.69 -19.27 -14.09
CA VAL A 328 3.44 -19.74 -14.68
C VAL A 328 2.64 -20.46 -13.60
N LEU A 329 1.39 -20.05 -13.43
CA LEU A 329 0.49 -20.67 -12.45
C LEU A 329 -0.50 -21.55 -13.18
N GLU A 330 -0.43 -22.86 -12.94
CA GLU A 330 -1.35 -23.83 -13.50
C GLU A 330 -2.29 -24.34 -12.42
N GLY A 331 -3.49 -24.73 -12.83
CA GLY A 331 -4.45 -25.29 -11.90
C GLY A 331 -5.89 -25.05 -12.27
N HIS A 332 -6.21 -23.87 -12.79
CA HIS A 332 -7.56 -23.64 -13.31
C HIS A 332 -7.87 -24.64 -14.42
N GLU A 333 -9.11 -25.10 -14.46
CA GLU A 333 -9.55 -26.06 -15.46
C GLU A 333 -10.28 -25.40 -16.63
N GLU A 334 -10.48 -24.09 -16.59
CA GLU A 334 -11.10 -23.37 -17.69
C GLU A 334 -10.46 -22.00 -17.82
N LEU A 335 -10.93 -21.23 -18.80
CA LEU A 335 -10.41 -19.90 -19.08
C LEU A 335 -10.38 -19.04 -17.82
N VAL A 336 -9.23 -18.41 -17.57
CA VAL A 336 -9.08 -17.50 -16.44
C VAL A 336 -9.62 -16.14 -16.85
N ARG A 337 -10.73 -15.72 -16.24
CA ARG A 337 -11.54 -14.64 -16.76
C ARG A 337 -11.39 -13.34 -15.98
N CYS A 338 -11.03 -13.41 -14.70
CA CYS A 338 -10.71 -12.21 -13.94
C CYS A 338 -9.60 -12.54 -12.95
N ILE A 339 -8.82 -11.53 -12.60
CA ILE A 339 -7.68 -11.74 -11.72
C ILE A 339 -7.34 -10.42 -11.04
N ARG A 340 -7.03 -10.50 -9.75
CA ARG A 340 -6.54 -9.36 -8.97
C ARG A 340 -5.42 -9.87 -8.05
N PHE A 341 -4.61 -8.92 -7.57
CA PHE A 341 -3.63 -9.27 -6.55
C PHE A 341 -3.43 -8.08 -5.62
N ASP A 342 -2.99 -8.39 -4.39
CA ASP A 342 -2.50 -7.38 -3.47
C ASP A 342 -1.08 -7.76 -3.03
N ASN A 343 -0.69 -7.39 -1.81
CA ASN A 343 0.67 -7.66 -1.35
C ASN A 343 0.88 -9.12 -0.94
N LYS A 344 -0.19 -9.86 -0.69
CA LYS A 344 -0.07 -11.23 -0.18
C LYS A 344 -0.62 -12.30 -1.12
N ARG A 345 -1.67 -12.01 -1.89
CA ARG A 345 -2.40 -13.06 -2.58
C ARG A 345 -2.71 -12.65 -4.01
N ILE A 346 -2.86 -13.66 -4.87
CA ILE A 346 -3.57 -13.53 -6.14
C ILE A 346 -4.91 -14.23 -6.00
N VAL A 347 -5.97 -13.59 -6.50
CA VAL A 347 -7.30 -14.19 -6.57
C VAL A 347 -7.77 -14.15 -8.02
N SER A 348 -8.20 -15.30 -8.53
CA SER A 348 -8.56 -15.47 -9.93
C SER A 348 -9.89 -16.20 -10.03
N GLY A 349 -10.65 -15.87 -11.07
CA GLY A 349 -11.90 -16.55 -11.34
C GLY A 349 -11.93 -17.09 -12.76
N ALA A 350 -12.66 -18.19 -12.93
CA ALA A 350 -12.59 -18.99 -14.15
C ALA A 350 -13.98 -19.18 -14.74
N TYR A 351 -14.00 -19.71 -15.96
CA TYR A 351 -15.26 -19.98 -16.67
C TYR A 351 -16.08 -21.09 -16.03
N ASP A 352 -15.47 -21.95 -15.21
CA ASP A 352 -16.22 -23.01 -14.55
C ASP A 352 -16.81 -22.58 -13.22
N GLY A 353 -16.84 -21.29 -12.93
CA GLY A 353 -17.40 -20.79 -11.70
C GLY A 353 -16.49 -20.83 -10.49
N LYS A 354 -15.29 -21.37 -10.62
CA LYS A 354 -14.42 -21.52 -9.45
C LYS A 354 -13.49 -20.34 -9.29
N ILE A 355 -13.19 -20.03 -8.03
CA ILE A 355 -12.24 -18.98 -7.65
C ILE A 355 -11.07 -19.64 -6.94
N LYS A 356 -9.86 -19.21 -7.27
CA LYS A 356 -8.66 -19.73 -6.62
C LYS A 356 -7.89 -18.62 -5.93
N VAL A 357 -7.30 -18.96 -4.78
CA VAL A 357 -6.45 -18.07 -4.01
C VAL A 357 -5.02 -18.58 -4.13
N TRP A 358 -4.11 -17.70 -4.52
CA TRP A 358 -2.71 -18.06 -4.72
C TRP A 358 -1.81 -17.28 -3.78
N ASP A 359 -0.73 -17.94 -3.35
CA ASP A 359 0.26 -17.33 -2.47
C ASP A 359 1.25 -16.56 -3.33
N LEU A 360 1.13 -15.22 -3.32
CA LEU A 360 1.89 -14.42 -4.26
C LEU A 360 3.37 -14.39 -3.91
N VAL A 361 3.71 -14.28 -2.62
CA VAL A 361 5.11 -14.32 -2.21
C VAL A 361 5.75 -15.62 -2.65
N ALA A 362 5.13 -16.75 -2.29
CA ALA A 362 5.61 -18.06 -2.77
C ALA A 362 5.75 -18.08 -4.29
N ALA A 363 4.76 -17.52 -5.00
CA ALA A 363 4.79 -17.60 -6.46
C ALA A 363 5.96 -16.82 -7.04
N LEU A 364 6.35 -15.73 -6.38
CA LEU A 364 7.46 -14.90 -6.84
C LEU A 364 8.81 -15.42 -6.37
N ASP A 365 8.82 -16.49 -5.57
CA ASP A 365 10.05 -17.13 -5.14
C ASP A 365 10.28 -18.36 -6.02
N PRO A 366 11.25 -18.34 -6.93
CA PRO A 366 11.43 -19.46 -7.85
C PRO A 366 11.85 -20.77 -7.19
N ARG A 367 12.14 -20.77 -5.88
CA ARG A 367 12.40 -22.03 -5.19
C ARG A 367 11.13 -22.80 -4.87
N ALA A 368 10.02 -22.09 -4.71
CA ALA A 368 8.79 -22.74 -4.25
C ALA A 368 8.25 -23.67 -5.34
N PRO A 369 7.81 -24.87 -4.98
CA PRO A 369 7.24 -25.77 -5.98
C PRO A 369 5.85 -25.30 -6.41
N ALA A 370 5.46 -25.72 -7.62
CA ALA A 370 4.21 -25.23 -8.18
C ALA A 370 3.00 -25.70 -7.39
N GLY A 371 3.00 -26.96 -6.96
CA GLY A 371 1.87 -27.51 -6.23
C GLY A 371 1.55 -26.83 -4.92
N THR A 372 2.50 -26.12 -4.31
CA THR A 372 2.23 -25.37 -3.09
C THR A 372 1.66 -23.98 -3.34
N LEU A 373 1.41 -23.60 -4.59
CA LEU A 373 1.14 -22.20 -4.90
C LEU A 373 -0.33 -21.85 -4.81
N CYS A 374 -1.22 -22.79 -5.14
CA CYS A 374 -2.65 -22.54 -5.07
C CYS A 374 -3.07 -22.84 -3.63
N LEU A 375 -3.48 -21.81 -2.90
CA LEU A 375 -3.82 -22.01 -1.49
C LEU A 375 -5.19 -22.63 -1.30
N ARG A 376 -6.19 -22.24 -2.10
CA ARG A 376 -7.53 -22.74 -1.82
C ARG A 376 -8.32 -22.62 -3.11
N THR A 377 -9.29 -23.51 -3.30
CA THR A 377 -10.28 -23.36 -4.36
C THR A 377 -11.67 -23.14 -3.77
N LEU A 378 -12.34 -22.09 -4.24
CA LEU A 378 -13.64 -21.67 -3.70
C LEU A 378 -14.69 -21.83 -4.78
N VAL A 379 -15.74 -22.60 -4.48
CA VAL A 379 -16.72 -23.03 -5.48
C VAL A 379 -18.11 -22.65 -4.96
N GLU A 380 -18.58 -21.46 -5.36
CA GLU A 380 -19.94 -21.05 -5.01
C GLU A 380 -20.71 -20.42 -6.16
N HIS A 381 -20.07 -20.10 -7.29
CA HIS A 381 -20.78 -19.61 -8.46
C HIS A 381 -21.23 -20.78 -9.33
N SER A 382 -22.34 -20.58 -10.03
CA SER A 382 -22.85 -21.58 -10.98
C SER A 382 -22.68 -21.15 -12.43
N GLY A 383 -21.87 -20.13 -12.69
CA GLY A 383 -21.57 -19.72 -14.04
C GLY A 383 -20.22 -19.03 -14.08
N ARG A 384 -19.83 -18.62 -15.28
CA ARG A 384 -18.54 -17.95 -15.48
C ARG A 384 -18.37 -16.79 -14.52
N VAL A 385 -17.20 -16.69 -13.90
CA VAL A 385 -16.86 -15.57 -13.03
C VAL A 385 -16.29 -14.46 -13.90
N PHE A 386 -16.96 -13.31 -13.91
CA PHE A 386 -16.56 -12.22 -14.79
C PHE A 386 -15.67 -11.19 -14.12
N ARG A 387 -15.82 -10.98 -12.82
CA ARG A 387 -15.09 -9.90 -12.15
C ARG A 387 -15.03 -10.20 -10.67
N LEU A 388 -13.93 -9.80 -10.04
CA LEU A 388 -13.83 -9.86 -8.59
C LEU A 388 -12.95 -8.71 -8.11
N GLN A 389 -13.14 -8.35 -6.84
CA GLN A 389 -12.24 -7.44 -6.14
C GLN A 389 -12.13 -7.96 -4.71
N PHE A 390 -10.96 -7.77 -4.10
CA PHE A 390 -10.76 -8.27 -2.74
C PHE A 390 -9.85 -7.34 -1.96
N ASP A 391 -9.74 -7.63 -0.67
CA ASP A 391 -8.85 -6.94 0.25
C ASP A 391 -8.43 -7.94 1.33
N GLU A 392 -7.91 -7.43 2.44
CA GLU A 392 -7.44 -8.30 3.52
C GLU A 392 -8.56 -9.17 4.08
N PHE A 393 -9.80 -8.69 4.03
CA PHE A 393 -10.87 -9.34 4.78
C PHE A 393 -11.87 -10.08 3.91
N GLN A 394 -12.00 -9.75 2.62
CA GLN A 394 -13.10 -10.31 1.87
C GLN A 394 -12.81 -10.31 0.38
N ILE A 395 -13.61 -11.08 -0.34
CA ILE A 395 -13.69 -11.05 -1.80
C ILE A 395 -15.12 -10.69 -2.19
N VAL A 396 -15.27 -9.83 -3.19
CA VAL A 396 -16.55 -9.62 -3.84
C VAL A 396 -16.42 -10.04 -5.29
N SER A 397 -17.29 -10.96 -5.72
CA SER A 397 -17.22 -11.56 -7.04
C SER A 397 -18.60 -11.53 -7.69
N SER A 398 -18.61 -11.54 -9.02
CA SER A 398 -19.84 -11.53 -9.79
C SER A 398 -19.69 -12.45 -10.99
N SER A 399 -20.83 -12.89 -11.52
CA SER A 399 -20.85 -14.07 -12.38
C SER A 399 -21.94 -13.95 -13.42
N HIS A 400 -21.79 -14.74 -14.48
CA HIS A 400 -22.84 -14.94 -15.46
C HIS A 400 -24.12 -15.49 -14.84
N ASP A 401 -24.02 -16.16 -13.69
CA ASP A 401 -25.20 -16.68 -12.99
C ASP A 401 -26.06 -15.59 -12.36
N ASP A 402 -25.74 -14.31 -12.56
CA ASP A 402 -26.56 -13.18 -12.14
C ASP A 402 -26.53 -12.97 -10.62
N THR A 403 -25.45 -13.39 -9.97
CA THR A 403 -25.27 -13.15 -8.54
C THR A 403 -23.99 -12.37 -8.27
N ILE A 404 -24.00 -11.64 -7.15
CA ILE A 404 -22.80 -11.07 -6.56
C ILE A 404 -22.59 -11.76 -5.21
N LEU A 405 -21.39 -12.29 -4.99
CA LEU A 405 -21.04 -12.93 -3.73
C LEU A 405 -20.05 -12.07 -2.96
N ILE A 406 -20.27 -11.98 -1.64
CA ILE A 406 -19.30 -11.43 -0.71
C ILE A 406 -18.78 -12.58 0.13
N TRP A 407 -17.49 -12.86 0.00
CA TRP A 407 -16.82 -13.92 0.74
C TRP A 407 -16.07 -13.24 1.87
N ASP A 408 -16.43 -13.55 3.12
CA ASP A 408 -15.89 -12.81 4.26
C ASP A 408 -15.07 -13.75 5.14
N PHE A 409 -13.78 -13.45 5.23
CA PHE A 409 -12.78 -14.26 5.93
C PHE A 409 -12.49 -13.72 7.32
N LEU A 410 -13.30 -12.77 7.81
CA LEU A 410 -13.15 -12.27 9.16
C LEU A 410 -13.85 -13.15 10.18
N ASN A 411 -14.90 -13.85 9.77
CA ASN A 411 -15.60 -14.78 10.65
C ASN A 411 -16.21 -15.93 9.86
N PRO B 1 27.89 32.93 -0.41
CA PRO B 1 28.46 33.59 0.78
C PRO B 1 28.77 32.61 1.91
N SER B 2 29.72 32.97 2.76
CA SER B 2 30.07 32.20 3.93
C SER B 2 29.69 32.95 5.21
N ILE B 3 29.30 32.20 6.23
CA ILE B 3 28.91 32.75 7.52
C ILE B 3 29.77 32.08 8.59
N LYS B 4 30.24 32.88 9.55
CA LYS B 4 31.05 32.37 10.65
C LYS B 4 30.15 31.83 11.76
N LEU B 5 30.36 30.58 12.14
CA LEU B 5 29.74 29.98 13.31
C LEU B 5 30.73 29.97 14.46
N GLN B 6 30.26 30.28 15.66
CA GLN B 6 31.11 30.41 16.84
C GLN B 6 30.71 29.38 17.88
N SER B 7 31.58 28.39 18.09
CA SER B 7 31.28 27.30 19.01
C SER B 7 31.39 27.77 20.46
N SER B 8 30.84 26.96 21.36
CA SER B 8 30.86 27.28 22.78
C SER B 8 32.28 27.47 23.31
N ASP B 9 33.26 26.77 22.72
CA ASP B 9 34.65 27.01 23.05
C ASP B 9 35.10 28.40 22.61
N GLY B 10 34.71 28.81 21.41
CA GLY B 10 35.15 30.08 20.87
C GLY B 10 35.76 29.94 19.49
N GLU B 11 36.11 28.71 19.11
CA GLU B 11 36.62 28.45 17.77
C GLU B 11 35.57 28.79 16.73
N ILE B 12 35.97 29.54 15.70
CA ILE B 12 35.07 30.03 14.67
C ILE B 12 35.25 29.18 13.42
N PHE B 13 34.12 28.80 12.81
CA PHE B 13 34.12 28.02 11.58
C PHE B 13 33.48 28.83 10.47
N GLU B 14 34.17 28.93 9.33
CA GLU B 14 33.58 29.49 8.12
C GLU B 14 32.81 28.40 7.38
N VAL B 15 31.51 28.62 7.18
CA VAL B 15 30.63 27.64 6.57
C VAL B 15 29.80 28.32 5.49
N ASP B 16 29.59 27.62 4.38
CA ASP B 16 28.74 28.15 3.33
C ASP B 16 27.31 28.30 3.83
N VAL B 17 26.66 29.41 3.45
CA VAL B 17 25.33 29.74 3.94
C VAL B 17 24.33 28.63 3.67
N GLU B 18 24.49 27.90 2.55
CA GLU B 18 23.55 26.84 2.23
C GLU B 18 23.74 25.59 3.08
N ILE B 19 24.97 25.33 3.52
CA ILE B 19 25.21 24.25 4.48
C ILE B 19 24.65 24.61 5.85
N ALA B 20 25.03 25.79 6.35
CA ALA B 20 24.55 26.27 7.65
C ALA B 20 23.03 26.19 7.79
N LYS B 21 22.30 26.59 6.75
CA LYS B 21 20.85 26.71 6.82
C LYS B 21 20.09 25.38 6.75
N GLN B 22 20.77 24.23 6.77
CA GLN B 22 20.03 23.02 7.05
C GLN B 22 19.56 22.98 8.50
N SER B 23 20.22 23.70 9.40
CA SER B 23 19.71 23.92 10.74
C SER B 23 18.75 25.11 10.71
N VAL B 24 17.46 24.83 10.93
CA VAL B 24 16.47 25.91 11.03
C VAL B 24 16.86 26.88 12.14
N THR B 25 17.40 26.37 13.24
CA THR B 25 17.83 27.25 14.34
C THR B 25 18.84 28.26 13.83
N ILE B 26 19.89 27.80 13.16
CA ILE B 26 20.89 28.73 12.64
C ILE B 26 20.26 29.61 11.57
N LYS B 27 19.30 29.05 10.80
CA LYS B 27 18.58 29.82 9.78
C LYS B 27 17.77 30.95 10.41
N THR B 28 17.08 30.65 11.52
CA THR B 28 16.32 31.68 12.22
C THR B 28 17.21 32.80 12.72
N MET B 29 18.37 32.45 13.29
CA MET B 29 19.28 33.46 13.81
C MET B 29 19.80 34.34 12.68
N LEU B 30 20.06 33.75 11.51
CA LEU B 30 20.46 34.53 10.34
C LEU B 30 19.30 35.38 9.83
N GLU B 31 18.19 34.74 9.44
CA GLU B 31 17.16 35.43 8.67
C GLU B 31 16.34 36.37 9.55
N ASP B 32 16.05 35.96 10.78
CA ASP B 32 15.15 36.74 11.63
C ASP B 32 15.87 37.62 12.65
N LEU B 33 17.02 37.18 13.16
CA LEU B 33 17.77 37.99 14.11
C LEU B 33 18.97 38.70 13.50
N GLY B 34 19.32 38.42 12.24
CA GLY B 34 20.39 39.12 11.57
C GLY B 34 21.69 39.11 12.34
N MET B 35 22.13 37.93 12.78
CA MET B 35 23.28 37.79 13.65
C MET B 35 24.51 37.35 12.87
N ASP B 36 25.62 38.06 13.06
CA ASP B 36 26.91 37.61 12.56
C ASP B 36 28.03 38.05 13.49
N PRO B 37 28.88 37.11 13.97
CA PRO B 37 28.70 35.67 13.72
C PRO B 37 27.52 35.06 14.49
N VAL B 38 27.31 33.76 14.33
CA VAL B 38 26.22 33.04 15.00
C VAL B 38 26.80 32.34 16.22
N PRO B 39 26.53 32.83 17.43
CA PRO B 39 27.02 32.12 18.63
C PRO B 39 26.26 30.82 18.85
N LEU B 40 26.98 29.79 19.26
CA LEU B 40 26.41 28.48 19.59
C LEU B 40 26.90 28.05 20.96
N PRO B 41 26.29 28.58 22.03
CA PRO B 41 26.77 28.26 23.39
C PRO B 41 26.59 26.81 23.79
N ASN B 42 25.78 26.03 23.08
CA ASN B 42 25.47 24.66 23.46
C ASN B 42 26.21 23.61 22.65
N VAL B 43 27.10 24.02 21.74
CA VAL B 43 27.83 23.10 20.87
C VAL B 43 29.31 23.48 20.91
N ASN B 44 30.14 22.55 21.39
CA ASN B 44 31.58 22.79 21.41
C ASN B 44 32.19 22.53 20.04
N ALA B 45 33.47 22.89 19.90
CA ALA B 45 34.11 22.86 18.59
C ALA B 45 34.19 21.45 18.03
N ALA B 46 34.43 20.46 18.89
CA ALA B 46 34.61 19.09 18.40
C ALA B 46 33.31 18.54 17.80
N ILE B 47 32.19 18.78 18.47
CA ILE B 47 30.90 18.31 17.94
C ILE B 47 30.47 19.13 16.74
N LEU B 48 30.73 20.45 16.78
CA LEU B 48 30.31 21.32 15.68
C LEU B 48 30.99 20.90 14.38
N LYS B 49 32.30 20.61 14.43
CA LYS B 49 32.99 20.15 13.23
C LYS B 49 32.39 18.85 12.70
N LYS B 50 32.05 17.92 13.61
CA LYS B 50 31.36 16.70 13.21
C LYS B 50 30.04 17.02 12.53
N VAL B 51 29.28 17.98 13.07
CA VAL B 51 27.99 18.32 12.48
C VAL B 51 28.18 18.98 11.12
N ILE B 52 29.10 19.95 11.03
CA ILE B 52 29.37 20.61 9.75
C ILE B 52 29.74 19.59 8.69
N GLN B 53 30.58 18.61 9.04
CA GLN B 53 30.96 17.56 8.11
C GLN B 53 29.73 16.82 7.60
N TRP B 54 28.82 16.47 8.52
CA TRP B 54 27.60 15.74 8.13
C TRP B 54 26.71 16.58 7.23
N CYS B 55 26.60 17.89 7.52
CA CYS B 55 25.71 18.75 6.74
C CYS B 55 26.22 18.95 5.32
N THR B 56 27.53 19.16 5.15
CA THR B 56 28.09 19.30 3.80
C THR B 56 27.79 18.06 2.95
N HIS B 57 28.10 16.86 3.48
CA HIS B 57 27.89 15.64 2.73
C HIS B 57 26.42 15.45 2.33
N HIS B 58 25.49 16.04 3.07
CA HIS B 58 24.06 15.85 2.83
C HIS B 58 23.38 17.08 2.23
N LYS B 59 24.16 17.97 1.63
CA LYS B 59 23.64 19.17 0.98
C LYS B 59 22.43 18.89 0.08
N ILE B 66 18.89 5.74 6.21
CA ILE B 66 20.24 5.80 6.77
C ILE B 66 21.20 5.08 5.82
N PRO B 67 21.97 5.87 5.05
CA PRO B 67 22.95 5.28 4.12
C PRO B 67 24.19 4.67 4.77
N VAL B 68 25.11 4.22 3.91
CA VAL B 68 26.34 3.57 4.35
C VAL B 68 27.35 4.59 4.89
N TRP B 69 27.40 5.79 4.28
CA TRP B 69 28.32 6.81 4.76
C TRP B 69 27.97 7.28 6.17
N ASP B 70 26.68 7.38 6.49
CA ASP B 70 26.29 7.81 7.82
C ASP B 70 26.65 6.76 8.86
N GLN B 71 26.43 5.48 8.53
CA GLN B 71 26.80 4.41 9.45
C GLN B 71 28.28 4.46 9.80
N GLU B 72 29.13 4.74 8.81
CA GLU B 72 30.56 4.91 9.08
C GLU B 72 30.82 6.19 9.89
N PHE B 73 30.09 7.26 9.57
CA PHE B 73 30.20 8.51 10.31
C PHE B 73 29.85 8.34 11.79
N LEU B 74 28.97 7.39 12.10
CA LEU B 74 28.46 7.21 13.45
C LEU B 74 29.20 6.13 14.22
N LYS B 75 30.32 5.64 13.70
CA LYS B 75 31.17 4.70 14.43
C LYS B 75 32.01 5.48 15.44
N VAL B 76 31.32 5.90 16.51
CA VAL B 76 31.90 6.66 17.61
C VAL B 76 31.34 6.08 18.91
N ASP B 77 31.94 6.47 20.02
CA ASP B 77 31.44 5.99 21.31
C ASP B 77 30.06 6.56 21.60
N GLN B 78 29.36 5.93 22.53
CA GLN B 78 28.00 6.36 22.87
C GLN B 78 27.98 7.77 23.44
N GLY B 79 29.01 8.17 24.18
CA GLY B 79 29.06 9.53 24.69
C GLY B 79 29.06 10.56 23.58
N THR B 80 29.77 10.27 22.48
CA THR B 80 29.81 11.21 21.36
C THR B 80 28.49 11.18 20.59
N LEU B 81 27.91 9.98 20.41
CA LEU B 81 26.60 9.87 19.80
C LEU B 81 25.56 10.63 20.61
N PHE B 82 25.65 10.57 21.94
CA PHE B 82 24.74 11.34 22.79
C PHE B 82 24.91 12.84 22.56
N GLU B 83 26.17 13.30 22.54
CA GLU B 83 26.43 14.71 22.24
C GLU B 83 25.93 15.10 20.86
N LEU B 84 25.97 14.17 19.90
CA LEU B 84 25.50 14.48 18.55
C LEU B 84 23.98 14.61 18.51
N ILE B 85 23.29 13.70 19.20
CA ILE B 85 21.83 13.82 19.36
C ILE B 85 21.47 15.18 19.95
N LEU B 86 22.20 15.62 20.97
CA LEU B 86 21.87 16.90 21.61
C LEU B 86 22.10 18.07 20.66
N ALA B 87 23.23 18.05 19.94
CA ALA B 87 23.50 19.14 19.01
C ALA B 87 22.46 19.17 17.90
N ALA B 88 22.09 18.00 17.36
CA ALA B 88 21.11 17.95 16.29
C ALA B 88 19.75 18.46 16.76
N ASN B 89 19.38 18.14 18.00
CA ASN B 89 18.17 18.70 18.60
C ASN B 89 18.30 20.21 18.74
N TYR B 90 19.36 20.67 19.39
CA TYR B 90 19.56 22.11 19.59
C TYR B 90 19.57 22.86 18.26
N LEU B 91 20.26 22.32 17.26
CA LEU B 91 20.30 23.00 15.98
C LEU B 91 19.07 22.68 15.14
N ASP B 92 18.29 21.67 15.53
CA ASP B 92 17.10 21.23 14.79
C ASP B 92 17.46 20.85 13.36
N ILE B 93 18.36 19.88 13.24
CA ILE B 93 18.69 19.27 11.96
C ILE B 93 18.02 17.90 11.98
N LYS B 94 16.79 17.86 11.46
CA LYS B 94 15.97 16.66 11.54
C LYS B 94 16.67 15.46 10.93
N GLY B 95 17.37 15.65 9.82
CA GLY B 95 18.05 14.54 9.18
C GLY B 95 19.08 13.90 10.10
N LEU B 96 19.89 14.72 10.76
CA LEU B 96 20.90 14.17 11.67
C LEU B 96 20.27 13.57 12.91
N LEU B 97 19.22 14.23 13.45
CA LEU B 97 18.53 13.68 14.61
C LEU B 97 17.91 12.32 14.31
N ASP B 98 17.43 12.12 13.08
CA ASP B 98 16.75 10.88 12.73
C ASP B 98 17.72 9.71 12.64
N VAL B 99 18.86 9.91 11.97
CA VAL B 99 19.80 8.82 11.79
C VAL B 99 20.48 8.46 13.12
N THR B 100 20.75 9.46 13.97
CA THR B 100 21.34 9.15 15.27
C THR B 100 20.33 8.43 16.17
N CYS B 101 19.06 8.83 16.12
CA CYS B 101 18.04 8.16 16.93
C CYS B 101 17.77 6.76 16.41
N LYS B 102 17.68 6.61 15.09
CA LYS B 102 17.56 5.28 14.50
C LYS B 102 18.75 4.40 14.86
N THR B 103 19.95 5.00 14.92
CA THR B 103 21.13 4.23 15.30
C THR B 103 20.99 3.67 16.72
N VAL B 104 20.43 4.47 17.63
CA VAL B 104 20.26 3.99 19.00
C VAL B 104 19.22 2.88 19.04
N ALA B 105 18.15 3.03 18.25
CA ALA B 105 17.10 2.01 18.21
C ALA B 105 17.66 0.70 17.66
N ASN B 106 18.59 0.77 16.71
CA ASN B 106 19.19 -0.43 16.16
C ASN B 106 20.06 -1.13 17.19
N MET B 107 20.60 -0.39 18.15
CA MET B 107 21.36 -0.98 19.25
C MET B 107 20.46 -1.61 20.30
N ILE B 108 19.16 -1.32 20.25
CA ILE B 108 18.19 -1.85 21.21
C ILE B 108 17.47 -3.07 20.66
N LYS B 109 17.14 -3.05 19.37
CA LYS B 109 16.23 -4.04 18.80
C LYS B 109 16.84 -5.43 18.79
N GLY B 110 15.98 -6.44 18.91
CA GLY B 110 16.41 -7.82 18.85
C GLY B 110 17.26 -8.30 20.01
N LYS B 111 17.19 -7.64 21.17
CA LYS B 111 17.96 -8.04 22.33
C LYS B 111 17.05 -8.31 23.51
N THR B 112 17.48 -9.24 24.37
CA THR B 112 16.88 -9.44 25.68
C THR B 112 17.16 -8.24 26.58
N PRO B 113 16.32 -8.02 27.60
CA PRO B 113 16.62 -6.96 28.58
C PRO B 113 18.04 -7.03 29.13
N GLU B 114 18.54 -8.23 29.43
CA GLU B 114 19.89 -8.36 29.95
C GLU B 114 20.92 -7.89 28.93
N GLU B 115 20.73 -8.24 27.65
CA GLU B 115 21.64 -7.77 26.61
C GLU B 115 21.55 -6.26 26.40
N ILE B 116 20.35 -5.68 26.54
CA ILE B 116 20.23 -4.23 26.45
C ILE B 116 21.00 -3.57 27.60
N ARG B 117 20.73 -3.99 28.83
CA ARG B 117 21.48 -3.47 29.98
C ARG B 117 22.98 -3.52 29.73
N LYS B 118 23.47 -4.66 29.22
CA LYS B 118 24.92 -4.80 29.02
C LYS B 118 25.40 -3.83 27.95
N THR B 119 24.59 -3.61 26.90
CA THR B 119 24.97 -2.68 25.85
C THR B 119 25.20 -1.28 26.42
N PHE B 120 24.30 -0.83 27.30
CA PHE B 120 24.30 0.56 27.77
C PHE B 120 24.79 0.72 29.20
N ASN B 121 25.23 -0.35 29.87
CA ASN B 121 25.71 -0.31 31.25
C ASN B 121 24.62 0.17 32.22
N ILE B 122 23.48 -0.53 32.19
CA ILE B 122 22.30 -0.19 32.97
C ILE B 122 22.06 -1.25 34.02
N LYS B 123 21.84 -0.84 35.27
CA LYS B 123 21.54 -1.78 36.34
C LYS B 123 20.06 -2.08 36.38
N ASN B 124 19.73 -3.35 36.60
CA ASN B 124 18.32 -3.74 36.73
C ASN B 124 17.89 -3.31 38.13
N ASP B 125 16.93 -2.40 38.21
CA ASP B 125 16.49 -1.88 39.50
C ASP B 125 15.05 -2.27 39.83
N PHE B 126 14.48 -3.24 39.12
CA PHE B 126 13.21 -3.78 39.54
C PHE B 126 13.38 -4.63 40.80
N THR B 127 12.44 -4.50 41.73
CA THR B 127 12.19 -5.57 42.69
C THR B 127 11.80 -6.84 41.94
N GLU B 128 12.06 -7.98 42.58
CA GLU B 128 11.55 -9.24 42.04
C GLU B 128 10.05 -9.13 41.78
N GLU B 129 9.29 -8.67 42.77
CA GLU B 129 7.85 -8.52 42.60
C GLU B 129 7.54 -7.61 41.40
N GLU B 130 8.21 -6.46 41.28
CA GLU B 130 7.90 -5.54 40.20
C GLU B 130 8.24 -6.13 38.84
N GLU B 131 9.36 -6.85 38.74
CA GLU B 131 9.76 -7.45 37.46
C GLU B 131 8.77 -8.52 37.03
N ALA B 132 8.36 -9.39 37.96
CA ALA B 132 7.36 -10.41 37.65
C ALA B 132 6.07 -9.79 37.13
N GLN B 133 5.63 -8.68 37.73
CA GLN B 133 4.41 -8.01 37.27
C GLN B 133 4.57 -7.47 35.86
N VAL B 134 5.66 -6.75 35.59
CA VAL B 134 5.93 -6.26 34.24
C VAL B 134 6.01 -7.42 33.26
N ARG B 135 6.58 -8.55 33.70
CA ARG B 135 6.74 -9.71 32.83
C ARG B 135 5.40 -10.40 32.58
N LYS B 136 4.55 -10.47 33.61
CA LYS B 136 3.22 -11.05 33.45
C LYS B 136 2.39 -10.31 32.41
N GLU B 137 2.59 -9.00 32.29
CA GLU B 137 1.80 -8.19 31.37
C GLU B 137 2.33 -8.22 29.94
N ASN B 138 3.31 -9.08 29.65
CA ASN B 138 3.68 -9.41 28.29
C ASN B 138 3.47 -10.90 28.02
N SER C 14 -19.50 -19.51 -27.60
CA SER C 14 -18.56 -18.86 -26.68
C SER C 14 -18.77 -17.35 -26.66
N TYR C 15 -19.32 -16.81 -27.75
CA TYR C 15 -19.63 -15.39 -27.86
C TYR C 15 -20.69 -14.94 -26.87
N LEU C 16 -21.24 -15.84 -26.04
CA LEU C 16 -22.08 -15.49 -24.89
C LEU C 16 -21.30 -14.78 -23.78
N ASP C 17 -20.11 -14.32 -24.07
CA ASP C 17 -19.36 -13.44 -23.18
C ASP C 17 -18.95 -12.24 -24.02
N SEP C 18 -19.60 -11.11 -23.79
CA SEP C 18 -19.34 -9.91 -24.59
CB SEP C 18 -20.59 -9.04 -24.65
OG SEP C 18 -21.64 -9.74 -25.28
C SEP C 18 -18.16 -9.11 -24.05
O SEP C 18 -17.75 -8.11 -24.65
P SEP C 18 -23.09 -9.17 -24.90
O1P SEP C 18 -23.30 -9.19 -23.30
O2P SEP C 18 -24.19 -10.12 -25.60
O3P SEP C 18 -23.26 -7.68 -25.45
N GLY C 19 -17.61 -9.55 -22.92
CA GLY C 19 -16.53 -8.81 -22.27
C GLY C 19 -15.14 -9.05 -22.83
N ILE C 20 -14.92 -10.23 -23.42
CA ILE C 20 -13.64 -10.58 -24.00
C ILE C 20 -13.88 -11.08 -25.42
N HIS C 21 -12.82 -11.06 -26.23
CA HIS C 21 -12.93 -11.51 -27.61
C HIS C 21 -11.55 -11.83 -28.16
N ALA C 22 -11.53 -12.66 -29.20
CA ALA C 22 -10.31 -13.00 -29.90
C ALA C 22 -10.66 -13.37 -31.33
N GLY C 23 -9.67 -13.28 -32.21
CA GLY C 23 -9.87 -13.60 -33.62
C GLY C 23 -10.38 -12.42 -34.43
C14 J97 D . -13.93 -16.63 -26.90
C01 J97 D . -11.04 -17.22 -27.15
C02 J97 D . -9.84 -17.87 -27.54
C03 J97 D . -9.68 -19.14 -28.34
C04 J97 D . -8.62 -17.22 -27.10
C07 J97 D . -9.79 -15.52 -26.04
C08 J97 D . -11.02 -16.04 -26.39
C09 J97 D . -9.69 -14.20 -25.19
C17 J97 D . -8.15 -20.97 -29.38
C18 J97 D . -6.98 -21.05 -30.17
C19 J97 D . -6.64 -22.17 -30.91
C20 J97 D . -7.46 -23.27 -30.89
C21 J97 D . -8.63 -23.24 -30.11
C22 J97 D . -8.97 -22.11 -29.37
C23 J97 D . -5.35 -22.21 -31.77
C26 J97 D . -14.42 -15.56 -27.63
C27 J97 D . -15.36 -14.64 -27.15
C28 J97 D . -15.85 -14.79 -25.86
C29 J97 D . -15.39 -15.85 -25.07
C30 J97 D . -14.45 -16.72 -25.61
F10 J97 D . -9.40 -14.44 -23.90
F11 J97 D . -8.78 -13.30 -25.57
F12 J97 D . -10.85 -13.52 -25.14
N06 J97 D . -8.61 -16.03 -26.35
N15 J97 D . -8.43 -19.75 -28.62
O05 J97 D . -7.48 -17.66 -27.36
O16 J97 D . -10.71 -19.69 -28.78
O24 J97 D . -4.39 -22.90 -31.34
O25 J97 D . -5.31 -21.55 -32.83
S13 J97 D . -12.71 -17.77 -27.54
CL1 J97 D . -13.93 -17.98 -24.56
CL2 J97 D . -13.87 -15.30 -29.24
P PO4 E . -7.90 -5.61 -5.58
O1 PO4 E . -8.25 -4.24 -5.04
O2 PO4 E . -9.12 -6.48 -5.58
O3 PO4 E . -6.84 -6.24 -4.71
O4 PO4 E . -7.37 -5.47 -6.98
CL CL F . -10.38 -17.86 -31.78
#